data_3E2M
#
_entry.id   3E2M
#
_cell.length_a   73.062
_cell.length_b   69.608
_cell.length_c   72.363
_cell.angle_alpha   90.00
_cell.angle_beta   90.00
_cell.angle_gamma   90.00
#
_symmetry.space_group_name_H-M   'P 21 21 2'
#
loop_
_entity.id
_entity.type
_entity.pdbx_description
1 polymer 'Integrin alpha-L'
2 non-polymer 'cis-4-{[2-({4-[(1E)-3-morpholin-4-yl-3-oxoprop-1-en-1-yl]-2,3-bis(trifluoromethyl)phenyl}sulfanyl)phenoxy]methyl}cyclohexanecarboxylic acid'
3 water water
#
_entity_poly.entity_id   1
_entity_poly.type   'polypeptide(L)'
_entity_poly.pdbx_seq_one_letter_code
;GSKGNVDLVFLFDGSMSLQPDEFQKILDFMKDVMKKLSNTSYQFAAVQFSTSYKTEFDFSDYVKWKDPDALLKHVKHMLL
LTNTFGAINYVATEVFREELGARPDATKVLIIITDGEATDSGNIDAAKDIIRYIIGIGKHFQTKESQETLHKFASKPASE
FVKILDTFEKLKDLFTELQKKIYVI
;
_entity_poly.pdbx_strand_id   A,B
#
# COMPACT_ATOMS: atom_id res chain seq x y z
N GLY A 4 6.03 -3.83 13.43
CA GLY A 4 5.79 -2.47 12.83
C GLY A 4 6.48 -2.36 11.47
N ASN A 5 7.81 -2.41 11.52
CA ASN A 5 8.64 -2.62 10.34
C ASN A 5 8.49 -4.07 9.86
N VAL A 6 8.47 -4.29 8.55
CA VAL A 6 8.34 -5.63 8.01
C VAL A 6 9.57 -5.98 7.21
N ASP A 7 10.30 -7.01 7.66
CA ASP A 7 11.42 -7.57 6.91
C ASP A 7 10.97 -8.81 6.15
N LEU A 8 11.00 -8.73 4.83
CA LEU A 8 10.41 -9.76 3.97
C LEU A 8 11.41 -10.36 2.99
N VAL A 9 11.55 -11.68 3.05
CA VAL A 9 12.43 -12.41 2.14
C VAL A 9 11.60 -13.13 1.08
N PHE A 10 11.99 -12.96 -0.18
CA PHE A 10 11.53 -13.83 -1.25
C PHE A 10 12.49 -15.04 -1.32
N LEU A 11 11.96 -16.22 -1.04
CA LEU A 11 12.71 -17.46 -1.22
C LEU A 11 12.19 -18.15 -2.48
N PHE A 12 12.90 -17.99 -3.59
CA PHE A 12 12.37 -18.45 -4.87
C PHE A 12 13.11 -19.66 -5.48
N ASP A 13 12.31 -20.51 -6.13
CA ASP A 13 12.74 -21.79 -6.66
C ASP A 13 13.55 -21.57 -7.92
N GLY A 14 14.72 -22.21 -8.00
CA GLY A 14 15.53 -22.24 -9.20
C GLY A 14 15.81 -23.64 -9.74
N SER A 15 14.90 -24.59 -9.47
CA SER A 15 15.10 -25.98 -9.93
C SER A 15 15.18 -26.13 -11.45
N MET A 16 15.74 -27.26 -11.88
CA MET A 16 15.84 -27.57 -13.31
C MET A 16 14.48 -27.61 -14.01
N SER A 17 13.45 -27.99 -13.26
CA SER A 17 12.09 -28.15 -13.79
C SER A 17 11.50 -26.86 -14.37
N LEU A 18 11.99 -25.72 -13.90
CA LEU A 18 11.51 -24.42 -14.38
C LEU A 18 12.04 -24.13 -15.78
N GLN A 19 11.13 -23.86 -16.71
CA GLN A 19 11.53 -23.37 -18.04
C GLN A 19 11.99 -21.92 -17.90
N PRO A 20 12.85 -21.41 -18.82
CA PRO A 20 13.36 -20.03 -18.67
C PRO A 20 12.29 -18.94 -18.47
N ASP A 21 11.16 -19.06 -19.14
CA ASP A 21 10.13 -18.01 -19.04
C ASP A 21 9.42 -18.06 -17.70
N GLU A 22 9.26 -19.27 -17.16
CA GLU A 22 8.64 -19.48 -15.84
C GLU A 22 9.49 -18.88 -14.73
N PHE A 23 10.81 -19.12 -14.79
CA PHE A 23 11.78 -18.54 -13.87
C PHE A 23 11.75 -17.00 -13.92
N GLN A 24 11.71 -16.46 -15.14
CA GLN A 24 11.60 -15.01 -15.37
C GLN A 24 10.35 -14.39 -14.72
N LYS A 25 9.23 -15.10 -14.78
CA LYS A 25 7.93 -14.64 -14.29
C LYS A 25 7.89 -14.57 -12.77
N ILE A 26 8.64 -15.45 -12.10
CA ILE A 26 8.81 -15.37 -10.65
C ILE A 26 9.58 -14.09 -10.35
N LEU A 27 10.69 -13.88 -11.06
CA LEU A 27 11.49 -12.67 -10.91
C LEU A 27 10.68 -11.40 -11.16
N ASP A 28 9.78 -11.45 -12.14
CA ASP A 28 8.96 -10.30 -12.49
C ASP A 28 7.88 -10.03 -11.43
N PHE A 29 7.28 -11.11 -10.90
CA PHE A 29 6.32 -11.02 -9.78
C PHE A 29 6.92 -10.33 -8.56
N MET A 30 8.11 -10.80 -8.15
CA MET A 30 8.83 -10.23 -7.00
C MET A 30 9.10 -8.73 -7.16
N LYS A 31 9.47 -8.33 -8.36
CA LYS A 31 9.77 -6.94 -8.66
C LYS A 31 8.52 -6.08 -8.66
N ASP A 32 7.43 -6.62 -9.22
CA ASP A 32 6.11 -5.98 -9.15
C ASP A 32 5.67 -5.71 -7.70
N VAL A 33 5.88 -6.69 -6.83
CA VAL A 33 5.53 -6.51 -5.42
C VAL A 33 6.39 -5.43 -4.78
N MET A 34 7.71 -5.55 -4.90
CA MET A 34 8.61 -4.58 -4.26
C MET A 34 8.41 -3.14 -4.71
N LYS A 35 8.25 -2.96 -6.03
CA LYS A 35 7.97 -1.66 -6.63
C LYS A 35 6.72 -1.00 -6.07
N LYS A 36 5.70 -1.81 -5.76
CA LYS A 36 4.44 -1.33 -5.23
C LYS A 36 4.56 -0.96 -3.74
N LEU A 37 5.48 -1.63 -3.04
CA LEU A 37 5.68 -1.37 -1.63
C LEU A 37 6.93 -0.51 -1.32
N SER A 38 7.37 0.25 -2.32
CA SER A 38 8.49 1.16 -2.16
C SER A 38 8.11 2.29 -1.23
N ASN A 39 9.11 2.77 -0.49
CA ASN A 39 8.97 3.88 0.42
C ASN A 39 8.02 3.61 1.57
N THR A 40 7.96 2.34 1.98
CA THR A 40 7.11 1.91 3.07
C THR A 40 7.97 1.34 4.20
N SER A 41 7.33 0.70 5.18
CA SER A 41 8.05 0.04 6.27
C SER A 41 8.60 -1.35 5.88
N TYR A 42 8.36 -1.76 4.64
CA TYR A 42 8.86 -3.01 4.09
C TYR A 42 10.29 -2.83 3.60
N GLN A 43 11.16 -3.78 3.97
CA GLN A 43 12.47 -3.90 3.35
C GLN A 43 12.66 -5.36 2.94
N PHE A 44 13.32 -5.59 1.81
CA PHE A 44 13.31 -6.88 1.16
C PHE A 44 14.68 -7.53 1.00
N ALA A 45 14.69 -8.85 1.04
CA ALA A 45 15.83 -9.65 0.63
C ALA A 45 15.31 -10.75 -0.31
N ALA A 46 16.15 -11.17 -1.26
CA ALA A 46 15.79 -12.27 -2.15
C ALA A 46 16.86 -13.37 -2.18
N VAL A 47 16.39 -14.61 -2.15
CA VAL A 47 17.27 -15.75 -2.01
C VAL A 47 16.79 -16.84 -2.94
N GLN A 48 17.67 -17.24 -3.85
CA GLN A 48 17.43 -18.37 -4.72
C GLN A 48 17.83 -19.67 -4.00
N PHE A 49 16.99 -20.69 -4.15
CA PHE A 49 17.33 -22.04 -3.68
C PHE A 49 17.06 -23.08 -4.76
N SER A 50 18.02 -23.97 -4.96
CA SER A 50 17.78 -25.21 -5.69
C SER A 50 18.28 -26.42 -4.91
N THR A 51 19.49 -26.87 -5.23
CA THR A 51 20.25 -27.73 -4.33
C THR A 51 21.01 -26.92 -3.29
N SER A 52 21.59 -25.81 -3.74
CA SER A 52 22.26 -24.90 -2.83
C SER A 52 21.46 -23.61 -2.70
N TYR A 53 21.99 -22.66 -1.95
CA TYR A 53 21.28 -21.43 -1.63
C TYR A 53 22.14 -20.21 -1.88
N LYS A 54 21.52 -19.14 -2.37
CA LYS A 54 22.24 -17.91 -2.67
C LYS A 54 21.39 -16.69 -2.31
N THR A 55 21.99 -15.77 -1.57
CA THR A 55 21.36 -14.47 -1.33
C THR A 55 21.72 -13.55 -2.48
N GLU A 56 20.74 -13.31 -3.34
CA GLU A 56 20.94 -12.51 -4.53
C GLU A 56 21.10 -11.02 -4.22
N PHE A 57 20.30 -10.53 -3.27
CA PHE A 57 20.53 -9.23 -2.63
C PHE A 57 20.00 -9.29 -1.19
N ASP A 58 20.53 -8.45 -0.30
CA ASP A 58 20.06 -8.45 1.08
C ASP A 58 19.26 -7.19 1.41
N PHE A 59 18.83 -7.04 2.65
CA PHE A 59 18.04 -5.87 3.05
C PHE A 59 18.82 -4.56 2.86
N SER A 60 20.13 -4.62 3.12
CA SER A 60 21.00 -3.45 3.05
C SER A 60 21.18 -2.99 1.61
N ASP A 61 21.19 -3.96 0.68
CA ASP A 61 21.23 -3.66 -0.75
C ASP A 61 19.95 -2.95 -1.17
N TYR A 62 18.82 -3.41 -0.64
CA TYR A 62 17.52 -2.81 -0.97
C TYR A 62 17.36 -1.36 -0.47
N VAL A 63 17.76 -1.12 0.78
CA VAL A 63 17.72 0.23 1.36
C VAL A 63 18.58 1.24 0.58
N LYS A 64 19.76 0.80 0.17
CA LYS A 64 20.73 1.64 -0.53
C LYS A 64 20.30 1.93 -1.99
N TRP A 65 19.73 0.93 -2.66
CA TRP A 65 19.42 1.08 -4.08
C TRP A 65 17.94 1.24 -4.41
N LYS A 66 17.06 0.56 -3.67
CA LYS A 66 15.61 0.70 -3.87
C LYS A 66 15.22 0.50 -5.35
N ASP A 67 15.90 -0.42 -6.01
CA ASP A 67 15.78 -0.63 -7.44
C ASP A 67 15.75 -2.14 -7.72
N PRO A 68 14.56 -2.77 -7.59
CA PRO A 68 14.37 -4.18 -7.90
C PRO A 68 14.96 -4.65 -9.23
N ASP A 69 14.78 -3.84 -10.28
CA ASP A 69 15.33 -4.18 -11.59
C ASP A 69 16.82 -4.49 -11.48
N ALA A 70 17.57 -3.53 -10.92
CA ALA A 70 19.03 -3.64 -10.80
C ALA A 70 19.47 -4.69 -9.79
N LEU A 71 18.69 -4.86 -8.73
CA LEU A 71 19.05 -5.76 -7.64
C LEU A 71 19.00 -7.23 -8.07
N LEU A 72 18.24 -7.52 -9.13
CA LEU A 72 17.99 -8.90 -9.54
C LEU A 72 18.59 -9.19 -10.90
N LYS A 73 19.17 -8.16 -11.51
CA LYS A 73 19.65 -8.21 -12.88
C LYS A 73 20.69 -9.30 -13.12
N HIS A 74 21.34 -9.77 -12.06
CA HIS A 74 22.46 -10.70 -12.18
C HIS A 74 22.15 -12.12 -11.74
N VAL A 75 20.87 -12.42 -11.56
CA VAL A 75 20.44 -13.76 -11.17
C VAL A 75 20.69 -14.75 -12.31
N LYS A 76 21.30 -15.89 -11.98
CA LYS A 76 21.49 -17.00 -12.90
C LYS A 76 20.70 -18.18 -12.35
N HIS A 77 19.86 -18.77 -13.20
CA HIS A 77 19.05 -19.91 -12.83
C HIS A 77 19.93 -21.10 -12.49
N MET A 78 19.73 -21.66 -11.30
CA MET A 78 20.58 -22.72 -10.75
C MET A 78 20.40 -24.08 -11.43
N LEU A 79 19.17 -24.39 -11.82
CA LEU A 79 18.85 -25.56 -12.65
C LEU A 79 19.17 -26.91 -12.00
N LEU A 80 18.86 -27.06 -10.71
CA LEU A 80 19.16 -28.29 -10.00
C LEU A 80 17.92 -28.82 -9.26
N LEU A 81 18.09 -29.18 -8.00
CA LEU A 81 17.01 -29.75 -7.23
C LEU A 81 16.19 -28.69 -6.47
N THR A 82 15.49 -29.13 -5.42
CA THR A 82 14.53 -28.28 -4.69
C THR A 82 14.60 -28.50 -3.16
N ASN A 83 15.74 -28.14 -2.57
CA ASN A 83 15.95 -28.38 -1.14
C ASN A 83 15.29 -27.34 -0.25
N THR A 84 13.97 -27.39 -0.21
CA THR A 84 13.15 -26.40 0.53
C THR A 84 13.46 -26.33 2.03
N PHE A 85 13.61 -27.49 2.69
CA PHE A 85 13.97 -27.54 4.13
C PHE A 85 15.24 -26.75 4.47
N GLY A 86 16.33 -27.08 3.76
CA GLY A 86 17.61 -26.38 3.93
C GLY A 86 17.52 -24.91 3.57
N ALA A 87 16.68 -24.58 2.60
CA ALA A 87 16.47 -23.22 2.14
C ALA A 87 15.82 -22.34 3.20
N ILE A 88 14.73 -22.82 3.77
CA ILE A 88 14.04 -22.12 4.85
C ILE A 88 14.99 -21.97 6.04
N ASN A 89 15.73 -23.04 6.34
CA ASN A 89 16.74 -23.01 7.38
C ASN A 89 17.85 -22.02 7.11
N TYR A 90 18.25 -21.88 5.85
CA TYR A 90 19.25 -20.89 5.45
C TYR A 90 18.72 -19.46 5.64
N VAL A 91 17.44 -19.25 5.33
CA VAL A 91 16.83 -17.94 5.52
C VAL A 91 16.78 -17.57 7.02
N ALA A 92 16.20 -18.46 7.81
CA ALA A 92 16.08 -18.24 9.25
C ALA A 92 17.42 -17.92 9.92
N THR A 93 18.45 -18.73 9.67
CA THR A 93 19.74 -18.57 10.36
C THR A 93 20.76 -17.64 9.67
N GLU A 94 20.75 -17.59 8.34
CA GLU A 94 21.75 -16.78 7.62
C GLU A 94 21.24 -15.49 6.97
N VAL A 95 19.94 -15.34 6.76
CA VAL A 95 19.46 -14.14 6.05
C VAL A 95 18.90 -13.05 6.97
N PHE A 96 18.15 -13.46 7.99
CA PHE A 96 17.61 -12.51 8.95
C PHE A 96 18.70 -12.23 10.00
N ARG A 97 19.66 -11.41 9.59
CA ARG A 97 20.83 -11.06 10.39
C ARG A 97 21.06 -9.56 10.21
N GLU A 98 21.54 -8.89 11.26
CA GLU A 98 21.94 -7.47 11.22
C GLU A 98 22.90 -7.24 10.09
N GLU A 99 23.82 -8.20 9.91
CA GLU A 99 24.84 -8.13 8.88
C GLU A 99 24.27 -7.91 7.48
N LEU A 100 23.07 -8.46 7.26
CA LEU A 100 22.38 -8.34 5.99
C LEU A 100 21.35 -7.21 5.97
N GLY A 101 21.28 -6.44 7.04
CA GLY A 101 20.40 -5.28 7.10
C GLY A 101 19.05 -5.54 7.73
N ALA A 102 18.93 -6.70 8.41
CA ALA A 102 17.71 -7.05 9.13
C ALA A 102 17.59 -6.20 10.38
N ARG A 103 16.37 -5.73 10.66
CA ARG A 103 16.03 -5.00 11.87
C ARG A 103 15.51 -6.02 12.90
N PRO A 104 16.31 -6.34 13.94
CA PRO A 104 16.02 -7.44 14.89
C PRO A 104 14.62 -7.42 15.52
N ASP A 105 14.01 -6.24 15.53
CA ASP A 105 12.74 -5.96 16.17
C ASP A 105 11.53 -6.07 15.22
N ALA A 106 11.81 -6.10 13.91
CA ALA A 106 10.80 -6.08 12.88
C ALA A 106 9.96 -7.35 12.86
N THR A 107 8.85 -7.28 12.14
CA THR A 107 8.07 -8.47 11.77
C THR A 107 8.79 -9.16 10.60
N LYS A 108 9.03 -10.45 10.75
CA LYS A 108 9.72 -11.23 9.72
C LYS A 108 8.71 -11.96 8.82
N VAL A 109 8.79 -11.72 7.51
CA VAL A 109 7.94 -12.42 6.54
C VAL A 109 8.80 -13.20 5.55
N LEU A 110 8.37 -14.43 5.27
CA LEU A 110 9.00 -15.28 4.26
C LEU A 110 7.93 -15.63 3.24
N ILE A 111 8.21 -15.28 1.97
CA ILE A 111 7.40 -15.70 0.84
C ILE A 111 8.20 -16.75 0.08
N ILE A 112 7.70 -17.98 0.07
CA ILE A 112 8.33 -19.10 -0.65
C ILE A 112 7.62 -19.37 -1.97
N ILE A 113 8.37 -19.29 -3.08
CA ILE A 113 7.81 -19.55 -4.41
C ILE A 113 8.49 -20.79 -5.02
N THR A 114 7.69 -21.81 -5.31
CA THR A 114 8.22 -23.13 -5.71
C THR A 114 7.32 -23.80 -6.78
N ASP A 115 7.91 -24.70 -7.57
CA ASP A 115 7.15 -25.42 -8.59
C ASP A 115 7.20 -26.92 -8.36
N GLY A 116 7.73 -27.30 -7.20
CA GLY A 116 8.00 -28.71 -6.94
C GLY A 116 8.00 -29.06 -5.46
N GLU A 117 7.87 -30.35 -5.20
CA GLU A 117 8.03 -30.84 -3.82
C GLU A 117 9.50 -30.80 -3.41
N ALA A 118 9.71 -30.75 -2.10
CA ALA A 118 11.05 -30.69 -1.51
C ALA A 118 11.81 -31.99 -1.74
N THR A 119 13.10 -31.85 -2.07
CA THR A 119 13.99 -33.00 -2.28
C THR A 119 14.78 -33.40 -1.01
N ASP A 120 14.73 -32.55 0.00
CA ASP A 120 15.41 -32.87 1.27
C ASP A 120 14.38 -33.08 2.39
N SER A 121 14.86 -33.21 3.61
CA SER A 121 13.98 -33.43 4.75
C SER A 121 14.58 -32.82 6.03
N GLY A 122 13.95 -33.09 7.16
CA GLY A 122 14.36 -32.50 8.42
C GLY A 122 13.25 -31.63 8.97
N ASN A 123 13.62 -30.53 9.61
CA ASN A 123 12.63 -29.65 10.24
C ASN A 123 12.91 -28.17 10.01
N ILE A 124 11.90 -27.34 10.21
CA ILE A 124 12.06 -25.91 10.03
C ILE A 124 11.81 -25.15 11.34
N ASP A 125 12.21 -25.80 12.45
CA ASP A 125 12.02 -25.24 13.79
C ASP A 125 12.68 -23.88 13.98
N ALA A 126 13.74 -23.63 13.22
CA ALA A 126 14.49 -22.38 13.31
C ALA A 126 13.75 -21.19 12.74
N ALA A 127 12.69 -21.47 11.97
CA ALA A 127 11.90 -20.43 11.29
C ALA A 127 10.53 -20.19 11.93
N LYS A 128 10.36 -20.69 13.16
CA LYS A 128 9.10 -20.68 13.89
C LYS A 128 8.61 -19.27 14.27
N ASP A 129 9.54 -18.32 14.42
CA ASP A 129 9.22 -16.92 14.71
C ASP A 129 8.81 -16.13 13.44
N ILE A 130 8.97 -16.76 12.27
CA ILE A 130 8.70 -16.12 10.98
C ILE A 130 7.30 -16.46 10.39
N ILE A 131 6.57 -15.44 9.95
CA ILE A 131 5.30 -15.64 9.23
C ILE A 131 5.60 -16.14 7.82
N ARG A 132 5.17 -17.37 7.53
CA ARG A 132 5.52 -18.08 6.30
C ARG A 132 4.36 -18.28 5.31
N TYR A 133 4.54 -17.74 4.10
CA TYR A 133 3.59 -17.94 2.99
C TYR A 133 4.31 -18.74 1.92
N ILE A 134 3.58 -19.65 1.28
CA ILE A 134 4.13 -20.46 0.19
C ILE A 134 3.23 -20.47 -1.07
N ILE A 135 3.83 -20.15 -2.21
CA ILE A 135 3.17 -20.20 -3.53
C ILE A 135 3.71 -21.41 -4.28
N GLY A 136 2.81 -22.34 -4.59
CA GLY A 136 3.12 -23.54 -5.37
C GLY A 136 2.55 -23.36 -6.75
N ILE A 137 3.41 -23.47 -7.77
CA ILE A 137 3.00 -23.17 -9.14
C ILE A 137 3.16 -24.40 -10.05
N GLY A 138 2.13 -24.65 -10.87
CA GLY A 138 2.22 -25.56 -12.00
C GLY A 138 1.65 -26.96 -11.85
N LYS A 139 1.89 -27.76 -12.88
CA LYS A 139 1.35 -29.13 -13.03
C LYS A 139 1.81 -30.12 -11.96
N HIS A 140 2.95 -29.84 -11.31
CA HIS A 140 3.46 -30.69 -10.24
C HIS A 140 2.55 -30.63 -9.02
N PHE A 141 1.71 -29.61 -8.96
CA PHE A 141 0.75 -29.43 -7.85
C PHE A 141 -0.71 -29.64 -8.29
N GLN A 142 -0.90 -30.62 -9.16
CA GLN A 142 -2.20 -31.00 -9.71
C GLN A 142 -3.08 -31.65 -8.68
N THR A 143 -2.47 -32.39 -7.76
CA THR A 143 -3.23 -33.20 -6.81
C THR A 143 -3.31 -32.53 -5.45
N LYS A 144 -4.41 -32.80 -4.75
CA LYS A 144 -4.58 -32.43 -3.35
C LYS A 144 -3.36 -32.85 -2.54
N GLU A 145 -2.95 -34.10 -2.73
CA GLU A 145 -1.81 -34.70 -2.03
C GLU A 145 -0.56 -33.83 -2.14
N SER A 146 -0.16 -33.50 -3.37
CA SER A 146 1.04 -32.68 -3.61
C SER A 146 0.98 -31.27 -3.01
N GLN A 147 -0.19 -30.63 -3.10
CA GLN A 147 -0.40 -29.34 -2.46
C GLN A 147 -0.27 -29.48 -0.93
N GLU A 148 -0.76 -30.60 -0.40
CA GLU A 148 -0.63 -30.89 1.04
C GLU A 148 0.82 -30.90 1.54
N THR A 149 1.75 -31.39 0.72
CA THR A 149 3.18 -31.46 1.11
C THR A 149 3.82 -30.09 1.46
N LEU A 150 3.18 -29.01 1.03
CA LEU A 150 3.67 -27.65 1.27
C LEU A 150 3.19 -27.06 2.59
N HIS A 151 2.14 -27.64 3.16
CA HIS A 151 1.54 -27.14 4.41
C HIS A 151 2.57 -27.03 5.53
N LYS A 152 3.44 -28.04 5.63
CA LYS A 152 4.47 -28.11 6.68
C LYS A 152 5.49 -26.97 6.61
N PHE A 153 5.54 -26.26 5.48
CA PHE A 153 6.47 -25.14 5.32
C PHE A 153 5.86 -23.78 5.66
N ALA A 154 4.54 -23.69 5.56
CA ALA A 154 3.82 -22.42 5.74
C ALA A 154 3.22 -22.28 7.14
N SER A 155 2.98 -21.04 7.56
CA SER A 155 2.19 -20.77 8.77
C SER A 155 0.78 -21.33 8.61
N LYS A 156 0.12 -21.56 9.74
CA LYS A 156 -1.20 -22.18 9.77
C LYS A 156 -2.33 -21.15 9.96
N PRO A 157 -3.47 -21.34 9.28
CA PRO A 157 -3.87 -22.49 8.45
C PRO A 157 -3.40 -22.39 7.00
N ALA A 158 -3.41 -23.52 6.30
CA ALA A 158 -3.00 -23.59 4.88
C ALA A 158 -3.86 -22.73 3.95
N SER A 159 -5.12 -22.56 4.33
CA SER A 159 -6.09 -21.77 3.58
C SER A 159 -5.70 -20.30 3.51
N GLU A 160 -4.93 -19.85 4.49
CA GLU A 160 -4.48 -18.46 4.54
C GLU A 160 -3.07 -18.30 3.96
N PHE A 161 -2.22 -19.28 4.22
CA PHE A 161 -0.78 -19.14 3.93
C PHE A 161 -0.26 -20.00 2.78
N VAL A 162 -1.13 -20.85 2.20
CA VAL A 162 -0.77 -21.62 1.00
C VAL A 162 -1.64 -21.20 -0.19
N LYS A 163 -0.99 -20.87 -1.30
CA LYS A 163 -1.64 -20.57 -2.58
C LYS A 163 -1.08 -21.47 -3.66
N ILE A 164 -1.97 -22.12 -4.40
CA ILE A 164 -1.61 -22.93 -5.55
C ILE A 164 -2.07 -22.24 -6.84
N LEU A 165 -1.15 -22.15 -7.78
CA LEU A 165 -1.42 -21.52 -9.06
C LEU A 165 -1.27 -22.54 -10.19
N ASP A 166 -2.24 -22.55 -11.11
CA ASP A 166 -2.26 -23.51 -12.22
C ASP A 166 -1.09 -23.30 -13.15
N THR A 167 -0.77 -22.02 -13.40
CA THR A 167 0.29 -21.61 -14.32
C THR A 167 1.10 -20.47 -13.73
N PHE A 168 2.16 -20.10 -14.46
CA PHE A 168 3.03 -19.00 -14.06
C PHE A 168 2.45 -17.67 -14.48
N GLU A 169 1.64 -17.77 -15.76
CA GLU A 169 0.82 -16.63 -15.96
C GLU A 169 -0.05 -16.25 -14.78
N LYS A 170 -0.55 -17.01 -13.95
CA LYS A 170 -1.40 -16.66 -12.81
C LYS A 170 -0.71 -15.83 -11.74
N LEU A 171 0.61 -15.64 -11.85
CA LEU A 171 1.31 -14.68 -10.96
C LEU A 171 0.79 -13.24 -11.16
N LYS A 172 0.36 -12.93 -12.37
CA LYS A 172 -0.28 -11.65 -12.66
C LYS A 172 -1.55 -11.50 -11.82
N ASP A 173 -2.36 -12.56 -11.79
CA ASP A 173 -3.63 -12.57 -11.07
C ASP A 173 -3.47 -12.43 -9.56
N LEU A 174 -2.45 -13.08 -9.03
CA LEU A 174 -2.14 -12.97 -7.61
C LEU A 174 -1.66 -11.56 -7.28
N PHE A 175 -0.93 -10.94 -8.21
CA PHE A 175 -0.53 -9.55 -8.03
C PHE A 175 -1.74 -8.60 -7.96
N THR A 176 -2.71 -8.81 -8.85
CA THR A 176 -3.99 -8.09 -8.84
C THR A 176 -4.76 -8.27 -7.52
N GLU A 177 -4.87 -9.52 -7.06
CA GLU A 177 -5.59 -9.82 -5.82
C GLU A 177 -4.95 -9.13 -4.61
N LEU A 178 -3.64 -9.31 -4.48
CA LEU A 178 -2.88 -8.80 -3.35
C LEU A 178 -2.94 -7.27 -3.21
N GLN A 179 -2.90 -6.56 -4.34
CA GLN A 179 -3.03 -5.10 -4.34
C GLN A 179 -4.37 -4.62 -3.79
N LYS A 180 -5.42 -5.41 -3.97
CA LYS A 180 -6.74 -5.11 -3.37
C LYS A 180 -6.74 -5.24 -1.86
N LYS A 181 -5.66 -5.81 -1.33
CA LYS A 181 -5.47 -5.96 0.10
C LYS A 181 -4.48 -4.92 0.66
N ILE A 182 -4.14 -3.92 -0.16
CA ILE A 182 -3.27 -2.83 0.27
C ILE A 182 -4.06 -1.72 0.98
N TYR A 183 -3.63 -1.36 2.18
CA TYR A 183 -4.26 -0.25 2.89
C TYR A 183 -3.26 0.61 3.64
N VAL A 184 -3.61 1.88 3.80
CA VAL A 184 -2.99 2.72 4.79
C VAL A 184 -3.64 2.31 6.12
N ILE A 185 -2.80 1.68 6.96
CA ILE A 185 -3.08 1.26 8.35
C ILE A 185 -3.03 -0.25 8.59
N GLY B 4 -12.68 -3.59 3.82
CA GLY B 4 -12.87 -4.03 2.40
C GLY B 4 -12.72 -2.85 1.45
N ASN B 5 -13.82 -2.45 0.84
CA ASN B 5 -13.81 -1.33 -0.08
C ASN B 5 -13.77 0.01 0.65
N VAL B 6 -13.02 0.95 0.09
CA VAL B 6 -12.87 2.29 0.65
C VAL B 6 -13.11 3.33 -0.47
N ASP B 7 -14.18 4.11 -0.33
CA ASP B 7 -14.42 5.23 -1.24
C ASP B 7 -13.91 6.47 -0.51
N LEU B 8 -12.90 7.13 -1.08
CA LEU B 8 -12.26 8.22 -0.40
C LEU B 8 -12.42 9.53 -1.15
N VAL B 9 -12.85 10.57 -0.43
CA VAL B 9 -13.00 11.89 -1.04
C VAL B 9 -11.99 12.89 -0.46
N PHE B 10 -11.26 13.57 -1.35
CA PHE B 10 -10.43 14.68 -0.93
C PHE B 10 -11.25 15.96 -1.02
N LEU B 11 -11.36 16.68 0.10
CA LEU B 11 -12.09 17.93 0.13
C LEU B 11 -11.09 19.05 0.37
N PHE B 12 -10.73 19.78 -0.69
CA PHE B 12 -9.63 20.71 -0.58
C PHE B 12 -10.02 22.17 -0.66
N ASP B 13 -9.35 22.96 0.19
CA ASP B 13 -9.48 24.42 0.31
C ASP B 13 -8.98 25.13 -0.95
N GLY B 14 -9.81 26.03 -1.48
CA GLY B 14 -9.40 26.89 -2.58
C GLY B 14 -9.59 28.35 -2.21
N SER B 15 -9.49 28.67 -0.92
CA SER B 15 -9.68 30.04 -0.44
C SER B 15 -8.59 31.00 -0.96
N MET B 16 -8.88 32.28 -0.84
CA MET B 16 -8.01 33.40 -1.23
C MET B 16 -6.67 33.46 -0.49
N SER B 17 -6.65 33.01 0.77
CA SER B 17 -5.41 32.98 1.56
C SER B 17 -4.28 32.17 0.94
N LEU B 18 -4.65 31.16 0.13
CA LEU B 18 -3.71 30.22 -0.45
C LEU B 18 -2.94 30.83 -1.60
N GLN B 19 -1.62 30.86 -1.48
CA GLN B 19 -0.74 31.26 -2.57
C GLN B 19 -0.83 30.22 -3.70
N PRO B 20 -0.44 30.59 -4.92
CA PRO B 20 -0.42 29.60 -5.98
C PRO B 20 0.37 28.33 -5.64
N ASP B 21 1.59 28.47 -5.12
CA ASP B 21 2.46 27.32 -4.82
C ASP B 21 1.89 26.42 -3.71
N GLU B 22 1.20 27.04 -2.74
CA GLU B 22 0.58 26.35 -1.61
C GLU B 22 -0.60 25.53 -2.10
N PHE B 23 -1.36 26.09 -3.04
CA PHE B 23 -2.50 25.42 -3.67
C PHE B 23 -2.07 24.21 -4.47
N GLN B 24 -0.96 24.35 -5.21
CA GLN B 24 -0.38 23.25 -5.97
C GLN B 24 0.19 22.13 -5.09
N LYS B 25 0.77 22.48 -3.94
CA LYS B 25 1.28 21.49 -3.01
C LYS B 25 0.16 20.63 -2.42
N ILE B 26 -1.03 21.21 -2.29
CA ILE B 26 -2.22 20.43 -1.96
C ILE B 26 -2.57 19.44 -3.09
N LEU B 27 -2.62 19.93 -4.33
CA LEU B 27 -2.90 19.07 -5.49
C LEU B 27 -1.90 17.91 -5.63
N ASP B 28 -0.61 18.24 -5.50
CA ASP B 28 0.50 17.27 -5.57
C ASP B 28 0.39 16.20 -4.51
N PHE B 29 0.00 16.61 -3.29
CA PHE B 29 -0.24 15.68 -2.19
C PHE B 29 -1.33 14.66 -2.50
N MET B 30 -2.48 15.16 -2.96
CA MET B 30 -3.60 14.30 -3.31
C MET B 30 -3.26 13.35 -4.45
N LYS B 31 -2.47 13.84 -5.41
CA LYS B 31 -2.05 13.03 -6.56
C LYS B 31 -1.02 11.96 -6.18
N ASP B 32 -0.06 12.32 -5.35
CA ASP B 32 0.82 11.37 -4.71
C ASP B 32 0.09 10.18 -4.04
N VAL B 33 -0.90 10.49 -3.24
CA VAL B 33 -1.66 9.49 -2.53
C VAL B 33 -2.38 8.56 -3.51
N MET B 34 -3.15 9.16 -4.38
CA MET B 34 -3.85 8.45 -5.42
C MET B 34 -3.00 7.60 -6.33
N LYS B 35 -1.83 8.05 -6.65
CA LYS B 35 -0.93 7.23 -7.40
C LYS B 35 -0.42 6.02 -6.62
N LYS B 36 -0.05 6.25 -5.38
CA LYS B 36 0.45 5.22 -4.49
C LYS B 36 -0.57 4.07 -4.31
N LEU B 37 -1.85 4.42 -4.34
CA LEU B 37 -2.92 3.48 -3.98
C LEU B 37 -3.79 3.13 -5.18
N SER B 38 -3.20 3.24 -6.37
CA SER B 38 -3.83 2.74 -7.58
C SER B 38 -3.94 1.22 -7.51
N ASN B 39 -4.91 0.69 -8.24
CA ASN B 39 -5.14 -0.73 -8.37
C ASN B 39 -5.40 -1.42 -7.01
N THR B 40 -6.11 -0.75 -6.10
CA THR B 40 -6.40 -1.32 -4.76
C THR B 40 -7.91 -1.36 -4.55
N SER B 41 -8.37 -1.52 -3.31
CA SER B 41 -9.80 -1.45 -3.00
C SER B 41 -10.30 -0.01 -2.83
N TYR B 42 -9.37 0.93 -2.99
CA TYR B 42 -9.66 2.37 -2.93
C TYR B 42 -10.22 2.93 -4.24
N GLN B 43 -11.21 3.80 -4.09
CA GLN B 43 -11.85 4.56 -5.15
C GLN B 43 -11.80 6.00 -4.64
N PHE B 44 -11.61 6.97 -5.55
CA PHE B 44 -11.42 8.36 -5.14
C PHE B 44 -12.38 9.37 -5.80
N ALA B 45 -12.66 10.46 -5.08
CA ALA B 45 -13.27 11.64 -5.68
C ALA B 45 -12.56 12.89 -5.12
N ALA B 46 -12.80 14.06 -5.74
CA ALA B 46 -12.22 15.31 -5.22
C ALA B 46 -13.17 16.46 -5.42
N VAL B 47 -13.25 17.31 -4.41
CA VAL B 47 -14.17 18.45 -4.38
C VAL B 47 -13.35 19.64 -3.91
N GLN B 48 -13.39 20.72 -4.66
CA GLN B 48 -12.79 21.98 -4.19
C GLN B 48 -13.85 22.82 -3.52
N PHE B 49 -13.51 23.39 -2.37
CA PHE B 49 -14.45 24.22 -1.63
C PHE B 49 -13.85 25.57 -1.27
N SER B 50 -14.57 26.64 -1.58
CA SER B 50 -14.21 27.97 -1.12
C SER B 50 -15.42 28.70 -0.52
N THR B 51 -16.00 29.61 -1.29
CA THR B 51 -17.36 30.08 -1.04
C THR B 51 -18.37 29.02 -1.54
N SER B 52 -18.15 28.52 -2.76
CA SER B 52 -19.01 27.46 -3.29
C SER B 52 -18.23 26.14 -3.41
N TYR B 53 -18.87 25.14 -4.02
CA TYR B 53 -18.33 23.78 -4.05
C TYR B 53 -18.37 23.20 -5.47
N LYS B 54 -17.30 22.52 -5.84
CA LYS B 54 -17.22 21.93 -7.17
C LYS B 54 -16.63 20.54 -7.05
N THR B 55 -17.36 19.57 -7.59
CA THR B 55 -16.87 18.21 -7.73
C THR B 55 -15.93 18.23 -8.91
N GLU B 56 -14.62 18.20 -8.62
CA GLU B 56 -13.61 18.25 -9.69
C GLU B 56 -13.60 16.93 -10.46
N PHE B 57 -13.86 15.84 -9.76
CA PHE B 57 -14.19 14.55 -10.39
C PHE B 57 -14.83 13.63 -9.36
N ASP B 58 -15.66 12.72 -9.83
CA ASP B 58 -16.38 11.85 -8.91
C ASP B 58 -15.88 10.40 -9.00
N PHE B 59 -16.45 9.49 -8.21
CA PHE B 59 -16.05 8.07 -8.17
C PHE B 59 -16.08 7.36 -9.55
N SER B 60 -17.19 7.55 -10.27
CA SER B 60 -17.36 7.08 -11.66
C SER B 60 -16.22 7.55 -12.59
N ASP B 61 -15.83 8.81 -12.41
CA ASP B 61 -14.77 9.42 -13.18
C ASP B 61 -13.43 8.77 -12.86
N TYR B 62 -13.19 8.47 -11.59
CA TYR B 62 -11.93 7.85 -11.20
C TYR B 62 -11.78 6.46 -11.83
N VAL B 63 -12.85 5.68 -11.82
CA VAL B 63 -12.87 4.32 -12.36
C VAL B 63 -12.67 4.30 -13.89
N LYS B 64 -13.26 5.26 -14.58
CA LYS B 64 -13.04 5.43 -16.03
C LYS B 64 -11.60 5.88 -16.41
N TRP B 65 -10.98 6.70 -15.55
CA TRP B 65 -9.64 7.25 -15.82
C TRP B 65 -8.46 6.59 -15.09
N LYS B 66 -8.58 6.44 -13.76
CA LYS B 66 -7.50 5.91 -12.92
C LYS B 66 -6.19 6.67 -13.17
N ASP B 67 -6.34 7.98 -13.36
CA ASP B 67 -5.24 8.88 -13.70
C ASP B 67 -5.46 10.24 -13.01
N PRO B 68 -4.84 10.42 -11.84
CA PRO B 68 -5.00 11.66 -11.04
C PRO B 68 -4.53 12.91 -11.78
N ASP B 69 -3.48 12.79 -12.59
CA ASP B 69 -2.99 13.93 -13.33
C ASP B 69 -4.09 14.44 -14.26
N ALA B 70 -4.67 13.53 -15.03
CA ALA B 70 -5.72 13.86 -15.98
C ALA B 70 -6.97 14.35 -15.27
N LEU B 71 -7.32 13.67 -14.18
CA LEU B 71 -8.55 13.96 -13.43
C LEU B 71 -8.60 15.37 -12.81
N LEU B 72 -7.44 15.91 -12.48
CA LEU B 72 -7.35 17.19 -11.78
C LEU B 72 -6.86 18.32 -12.68
N LYS B 73 -6.84 18.06 -13.99
CA LYS B 73 -6.23 19.03 -14.91
C LYS B 73 -7.11 20.26 -15.20
N HIS B 74 -8.36 20.21 -14.79
CA HIS B 74 -9.25 21.34 -15.00
C HIS B 74 -9.46 22.22 -13.78
N VAL B 75 -8.77 21.88 -12.67
CA VAL B 75 -8.93 22.63 -11.42
C VAL B 75 -8.50 24.08 -11.62
N LYS B 76 -9.40 24.98 -11.27
CA LYS B 76 -9.10 26.41 -11.15
C LYS B 76 -9.32 26.85 -9.70
N HIS B 77 -8.30 27.49 -9.14
CA HIS B 77 -8.34 28.06 -7.78
C HIS B 77 -9.47 29.09 -7.59
N MET B 78 -10.46 28.75 -6.78
CA MET B 78 -11.64 29.61 -6.59
C MET B 78 -11.30 31.00 -6.01
N LEU B 79 -10.46 31.04 -4.99
CA LEU B 79 -9.91 32.27 -4.46
C LEU B 79 -10.89 33.12 -3.69
N LEU B 80 -11.69 32.49 -2.85
CA LEU B 80 -12.76 33.12 -2.17
C LEU B 80 -12.78 32.71 -0.68
N LEU B 81 -13.91 32.44 -0.08
CA LEU B 81 -13.92 32.11 1.34
C LEU B 81 -13.62 30.62 1.73
N THR B 82 -14.01 30.20 2.94
CA THR B 82 -13.70 28.86 3.46
C THR B 82 -14.94 28.23 4.11
N ASN B 83 -15.94 27.91 3.29
CA ASN B 83 -17.20 27.41 3.83
C ASN B 83 -17.17 25.91 4.15
N THR B 84 -16.43 25.57 5.19
CA THR B 84 -16.16 24.18 5.57
C THR B 84 -17.40 23.36 5.94
N PHE B 85 -18.36 23.96 6.64
CA PHE B 85 -19.56 23.25 7.04
C PHE B 85 -20.32 22.85 5.76
N GLY B 86 -20.70 23.84 4.96
CA GLY B 86 -21.39 23.61 3.68
C GLY B 86 -20.69 22.61 2.77
N ALA B 87 -19.35 22.64 2.79
CA ALA B 87 -18.56 21.71 1.98
C ALA B 87 -18.59 20.27 2.48
N ILE B 88 -18.52 20.06 3.80
CA ILE B 88 -18.69 18.70 4.36
C ILE B 88 -20.07 18.11 4.02
N ASN B 89 -21.10 18.94 4.15
CA ASN B 89 -22.46 18.55 3.78
C ASN B 89 -22.64 18.29 2.28
N TYR B 90 -21.98 19.08 1.44
CA TYR B 90 -22.00 18.87 -0.01
C TYR B 90 -21.35 17.52 -0.41
N VAL B 91 -20.16 17.23 0.11
CA VAL B 91 -19.55 15.90 -0.09
C VAL B 91 -20.54 14.79 0.26
N ALA B 92 -21.08 14.85 1.48
CA ALA B 92 -21.93 13.79 2.03
C ALA B 92 -23.24 13.58 1.28
N THR B 93 -23.85 14.66 0.82
CA THR B 93 -25.13 14.59 0.11
C THR B 93 -25.01 14.47 -1.41
N GLU B 94 -23.95 15.05 -1.97
CA GLU B 94 -23.81 15.20 -3.42
C GLU B 94 -22.67 14.39 -4.02
N VAL B 95 -21.79 13.84 -3.19
CA VAL B 95 -20.64 13.08 -3.71
C VAL B 95 -20.68 11.59 -3.34
N PHE B 96 -20.98 11.29 -2.08
CA PHE B 96 -21.18 9.92 -1.63
C PHE B 96 -22.57 9.46 -2.07
N ARG B 97 -22.70 9.16 -3.37
CA ARG B 97 -23.96 8.74 -4.00
C ARG B 97 -23.66 7.59 -4.91
N GLU B 98 -24.43 6.50 -4.83
CA GLU B 98 -24.29 5.42 -5.82
C GLU B 98 -24.47 5.92 -7.26
N GLU B 99 -25.28 6.98 -7.45
CA GLU B 99 -25.51 7.59 -8.78
C GLU B 99 -24.24 8.18 -9.39
N LEU B 100 -23.27 8.50 -8.53
CA LEU B 100 -21.95 8.96 -8.96
C LEU B 100 -20.80 7.96 -8.72
N GLY B 101 -21.11 6.66 -8.69
CA GLY B 101 -20.09 5.63 -8.60
C GLY B 101 -19.70 5.16 -7.19
N ALA B 102 -20.35 5.71 -6.17
CA ALA B 102 -20.04 5.30 -4.80
C ALA B 102 -20.51 3.86 -4.53
N ARG B 103 -19.79 3.15 -3.68
CA ARG B 103 -20.13 1.77 -3.39
C ARG B 103 -20.84 1.71 -2.05
N PRO B 104 -22.09 1.29 -2.08
CA PRO B 104 -22.94 1.18 -0.90
C PRO B 104 -22.28 0.44 0.25
N ASP B 105 -21.67 -0.70 -0.03
CA ASP B 105 -20.78 -1.43 0.84
C ASP B 105 -19.55 -0.77 1.49
N ALA B 106 -19.03 0.29 0.90
CA ALA B 106 -17.68 0.73 1.17
C ALA B 106 -17.57 1.46 2.49
N THR B 107 -16.40 1.39 3.11
CA THR B 107 -16.02 2.33 4.16
C THR B 107 -15.86 3.72 3.53
N LYS B 108 -16.52 4.72 4.13
CA LYS B 108 -16.46 6.10 3.65
C LYS B 108 -15.39 6.86 4.42
N VAL B 109 -14.50 7.51 3.67
CA VAL B 109 -13.43 8.33 4.23
C VAL B 109 -13.41 9.69 3.56
N LEU B 110 -13.34 10.73 4.39
CA LEU B 110 -13.20 12.11 3.96
C LEU B 110 -11.88 12.70 4.47
N ILE B 111 -11.07 13.24 3.56
CA ILE B 111 -9.84 13.95 3.94
C ILE B 111 -10.09 15.42 3.64
N ILE B 112 -10.10 16.23 4.69
CA ILE B 112 -10.27 17.68 4.53
C ILE B 112 -8.90 18.35 4.62
N ILE B 113 -8.58 19.18 3.63
CA ILE B 113 -7.33 19.93 3.63
C ILE B 113 -7.67 21.42 3.61
N THR B 114 -7.21 22.15 4.64
CA THR B 114 -7.53 23.58 4.76
C THR B 114 -6.36 24.43 5.31
N ASP B 115 -6.40 25.75 5.08
CA ASP B 115 -5.42 26.66 5.64
C ASP B 115 -6.09 27.76 6.46
N GLY B 116 -7.39 27.59 6.70
CA GLY B 116 -8.18 28.58 7.40
C GLY B 116 -9.27 28.03 8.29
N GLU B 117 -9.72 28.87 9.22
CA GLU B 117 -10.93 28.56 9.97
C GLU B 117 -12.14 28.72 9.05
N ALA B 118 -13.17 27.93 9.33
CA ALA B 118 -14.43 27.97 8.58
C ALA B 118 -15.08 29.36 8.64
N THR B 119 -15.63 29.78 7.50
CA THR B 119 -16.39 31.03 7.41
C THR B 119 -17.91 30.86 7.46
N ASP B 120 -18.38 29.62 7.43
CA ASP B 120 -19.81 29.39 7.62
C ASP B 120 -20.09 28.74 8.98
N SER B 121 -21.31 28.26 9.18
CA SER B 121 -21.63 27.48 10.36
C SER B 121 -22.71 26.42 10.10
N GLY B 122 -23.23 25.82 11.17
CA GLY B 122 -24.25 24.77 11.03
C GLY B 122 -23.82 23.49 11.73
N ASN B 123 -24.05 22.37 11.08
CA ASN B 123 -23.69 21.04 11.61
C ASN B 123 -23.25 20.10 10.51
N ILE B 124 -22.63 18.98 10.89
CA ILE B 124 -22.13 17.98 9.94
C ILE B 124 -22.80 16.62 10.17
N ASP B 125 -24.05 16.68 10.66
CA ASP B 125 -24.85 15.49 10.95
C ASP B 125 -24.97 14.51 9.77
N ALA B 126 -25.10 15.08 8.57
CA ALA B 126 -25.15 14.31 7.33
C ALA B 126 -23.90 13.42 7.13
N ALA B 127 -22.81 13.74 7.83
CA ALA B 127 -21.55 13.03 7.62
C ALA B 127 -21.10 12.18 8.80
N LYS B 128 -22.03 11.86 9.70
CA LYS B 128 -21.71 11.09 10.90
C LYS B 128 -21.24 9.68 10.54
N ASP B 129 -21.59 9.23 9.33
CA ASP B 129 -21.29 7.87 8.92
C ASP B 129 -19.98 7.81 8.13
N ILE B 130 -19.25 8.91 8.14
CA ILE B 130 -18.00 9.02 7.39
C ILE B 130 -16.81 9.21 8.32
N ILE B 131 -15.76 8.42 8.11
CA ILE B 131 -14.50 8.62 8.80
C ILE B 131 -13.86 9.90 8.22
N ARG B 132 -13.63 10.90 9.08
CA ARG B 132 -13.18 12.23 8.62
C ARG B 132 -11.84 12.65 9.22
N TYR B 133 -10.88 12.92 8.35
CA TYR B 133 -9.56 13.44 8.71
C TYR B 133 -9.48 14.88 8.23
N ILE B 134 -8.80 15.71 9.00
CA ILE B 134 -8.60 17.11 8.60
C ILE B 134 -7.15 17.52 8.80
N ILE B 135 -6.61 18.12 7.74
CA ILE B 135 -5.27 18.67 7.67
C ILE B 135 -5.38 20.20 7.67
N GLY B 136 -4.93 20.82 8.75
CA GLY B 136 -4.86 22.28 8.89
C GLY B 136 -3.42 22.72 8.73
N ILE B 137 -3.17 23.53 7.72
CA ILE B 137 -1.81 23.83 7.31
C ILE B 137 -1.51 25.33 7.42
N GLY B 138 -0.41 25.65 8.09
CA GLY B 138 0.15 26.99 8.09
C GLY B 138 -0.08 27.84 9.32
N LYS B 139 0.30 29.11 9.17
CA LYS B 139 0.30 30.12 10.22
C LYS B 139 -1.07 30.47 10.84
N HIS B 140 -2.14 30.22 10.10
CA HIS B 140 -3.47 30.48 10.60
C HIS B 140 -3.78 29.56 11.79
N PHE B 141 -3.00 28.49 11.92
CA PHE B 141 -3.21 27.47 12.95
C PHE B 141 -2.08 27.43 13.97
N GLN B 142 -1.50 28.61 14.23
CA GLN B 142 -0.41 28.76 15.19
C GLN B 142 -0.86 28.50 16.62
N THR B 143 -2.09 28.91 16.96
CA THR B 143 -2.57 28.83 18.34
C THR B 143 -3.33 27.54 18.64
N LYS B 144 -3.39 27.18 19.92
CA LYS B 144 -4.16 26.04 20.42
C LYS B 144 -5.64 26.15 20.05
N GLU B 145 -6.20 27.32 20.33
CA GLU B 145 -7.58 27.69 19.96
C GLU B 145 -7.91 27.54 18.46
N SER B 146 -7.02 28.03 17.60
CA SER B 146 -7.22 27.86 16.16
C SER B 146 -7.30 26.36 15.81
N GLN B 147 -6.40 25.58 16.40
CA GLN B 147 -6.31 24.14 16.14
C GLN B 147 -7.55 23.38 16.65
N GLU B 148 -8.12 23.88 17.73
CA GLU B 148 -9.30 23.29 18.37
C GLU B 148 -10.56 23.44 17.51
N THR B 149 -10.66 24.53 16.77
CA THR B 149 -11.85 24.80 15.94
C THR B 149 -12.02 23.74 14.85
N LEU B 150 -10.90 23.10 14.48
CA LEU B 150 -10.89 22.07 13.43
C LEU B 150 -11.40 20.71 13.87
N HIS B 151 -11.58 20.53 15.18
CA HIS B 151 -11.92 19.23 15.77
C HIS B 151 -13.34 18.79 15.45
N LYS B 152 -14.24 19.77 15.44
CA LYS B 152 -15.66 19.54 15.25
C LYS B 152 -16.00 19.00 13.85
N PHE B 153 -15.06 19.13 12.91
CA PHE B 153 -15.21 18.56 11.57
C PHE B 153 -14.71 17.11 11.44
N ALA B 154 -13.79 16.72 12.31
CA ALA B 154 -13.10 15.43 12.18
C ALA B 154 -13.62 14.36 13.13
N SER B 155 -13.36 13.10 12.78
CA SER B 155 -13.63 11.98 13.69
C SER B 155 -12.73 12.10 14.95
N LYS B 156 -12.99 11.26 15.94
CA LYS B 156 -12.30 11.34 17.23
C LYS B 156 -11.48 10.08 17.47
N PRO B 157 -10.29 10.22 18.10
CA PRO B 157 -9.74 11.43 18.72
C PRO B 157 -9.06 12.36 17.71
N ALA B 158 -8.97 13.65 18.04
CA ALA B 158 -8.16 14.61 17.28
C ALA B 158 -6.71 14.15 17.10
N SER B 159 -6.17 13.45 18.10
CA SER B 159 -4.82 12.91 18.04
C SER B 159 -4.62 12.03 16.81
N GLU B 160 -5.69 11.37 16.38
CA GLU B 160 -5.63 10.50 15.20
C GLU B 160 -6.12 11.19 13.93
N PHE B 161 -7.19 11.96 14.03
CA PHE B 161 -7.86 12.49 12.83
C PHE B 161 -7.61 13.98 12.52
N VAL B 162 -6.97 14.71 13.43
CA VAL B 162 -6.60 16.10 13.21
C VAL B 162 -5.06 16.19 13.09
N LYS B 163 -4.57 16.75 11.99
CA LYS B 163 -3.14 16.94 11.76
C LYS B 163 -2.85 18.41 11.47
N ILE B 164 -2.04 19.03 12.32
CA ILE B 164 -1.64 20.41 12.14
C ILE B 164 -0.23 20.45 11.55
N LEU B 165 -0.13 20.94 10.32
CA LEU B 165 1.16 21.08 9.63
C LEU B 165 1.62 22.52 9.62
N ASP B 166 2.90 22.74 9.87
CA ASP B 166 3.42 24.10 10.02
C ASP B 166 3.61 24.81 8.67
N THR B 167 3.85 24.04 7.60
CA THR B 167 4.05 24.61 6.27
C THR B 167 3.48 23.67 5.21
N PHE B 168 3.43 24.13 3.96
CA PHE B 168 2.95 23.30 2.86
C PHE B 168 4.03 22.37 2.32
N GLU B 169 5.29 22.66 2.63
CA GLU B 169 6.36 21.69 2.36
C GLU B 169 6.21 20.41 3.19
N LYS B 170 5.69 20.56 4.40
CA LYS B 170 5.44 19.44 5.32
C LYS B 170 4.44 18.40 4.81
N LEU B 171 3.71 18.75 3.75
CA LEU B 171 2.84 17.79 3.07
C LEU B 171 3.65 16.63 2.50
N LYS B 172 4.89 16.91 2.13
CA LYS B 172 5.82 15.87 1.68
C LYS B 172 6.18 14.93 2.82
N ASP B 173 6.42 15.50 4.00
CA ASP B 173 6.73 14.71 5.19
C ASP B 173 5.56 13.83 5.58
N LEU B 174 4.34 14.35 5.40
CA LEU B 174 3.13 13.60 5.73
C LEU B 174 2.92 12.44 4.78
N PHE B 175 3.31 12.63 3.52
CA PHE B 175 3.24 11.57 2.52
C PHE B 175 4.23 10.46 2.87
N THR B 176 5.40 10.86 3.35
CA THR B 176 6.40 9.93 3.86
C THR B 176 5.83 9.12 5.03
N GLU B 177 5.23 9.80 6.00
CA GLU B 177 4.64 9.17 7.19
C GLU B 177 3.58 8.13 6.85
N LEU B 178 2.59 8.53 6.03
CA LEU B 178 1.49 7.66 5.66
C LEU B 178 1.96 6.38 4.96
N GLN B 179 2.90 6.51 4.03
CA GLN B 179 3.48 5.37 3.30
C GLN B 179 4.09 4.30 4.20
N LYS B 180 4.63 4.73 5.34
CA LYS B 180 5.11 3.80 6.37
C LYS B 180 3.98 3.05 7.08
N LYS B 181 2.74 3.44 6.77
CA LYS B 181 1.55 2.79 7.32
C LYS B 181 0.82 1.95 6.25
N ILE B 182 1.40 1.88 5.05
CA ILE B 182 0.92 1.01 3.96
C ILE B 182 1.37 -0.45 4.14
N TYR B 183 0.40 -1.34 4.28
CA TYR B 183 0.66 -2.76 4.47
C TYR B 183 -0.18 -3.58 3.54
N VAL B 184 0.33 -4.75 3.17
CA VAL B 184 -0.49 -5.75 2.52
C VAL B 184 -1.24 -6.43 3.66
N ILE B 185 -2.51 -6.15 3.74
CA ILE B 185 -3.45 -6.69 4.72
C ILE B 185 -3.72 -5.92 5.98
#